data_2JFA
#
_entry.id   2JFA
#
_cell.length_a   126.573
_cell.length_b   126.573
_cell.length_c   113.429
_cell.angle_alpha   90.00
_cell.angle_beta   90.00
_cell.angle_gamma   120.00
#
_symmetry.space_group_name_H-M   'P 32 2 1'
#
loop_
_entity.id
_entity.type
_entity.pdbx_description
1 polymer 'ESTROGEN RECEPTOR'
2 polymer 'ESTROGEN RECEPTOR'
3 polymer 'COREPRESSOR PEPTIDE'
4 non-polymer RALOXIFENE
5 non-polymer 'SULFATE ION'
6 water water
#
loop_
_entity_poly.entity_id
_entity_poly.type
_entity_poly.pdbx_seq_one_letter_code
_entity_poly.pdbx_strand_id
1 'polypeptide(L)'
;MGSSHHHHHHSSGLVPRGSHMENSLALSLTADQMVSALLDAEPPILYSEYDPTRPFSEASMMGLLTNLADRELVHMINWA
KRVPGFVDLTLHDQVHLLECAWLEILMIGLVWRSMEHPGKLLFAPNLLLDRNQGKCVEGMVEIFDMLLATSSRFRMMNLQ
GEEFVCLKSIILLNSGVYTFLSSTLKSLEEKDHIHRVLDKITDTLIHLMAKAGLTLQQQHQRLAQLLLILSHIRHMSNKG
MEHLYSMKCKNV
;
A
2 'polypeptide(L)'
;MGSSHHHHHHSSGLVPRGSHMENSLALSLTADQMVSALLDAEPPILYSEYDPTRPFSEASMMGLLTNLADRELVHMINWA
KRVPGFVDLTLHDQVHLLECAWLEILMIGLVWRSMEHPGKLLFAPNLLLDRNQGK(CCS)VEGMVEIFDMLLATSSRFRM
MNLQGEEFVCLKSIILLNSGVYTFLSSTLKSLEEKDHIHRVLDKITDTLIHLMAKAGLTLQQQHQRLAQLLLILSHIRHM
SNKGMEHLYSMKCKNV
;
B
3 'polypeptide(L)' DAFQLRQLILRGLQDD P,Q
#
# COMPACT_ATOMS: atom_id res chain seq x y z
N SER A 24 -29.43 1.39 -5.67
CA SER A 24 -28.14 0.90 -5.09
C SER A 24 -28.33 0.43 -3.65
N LEU A 25 -28.52 -0.87 -3.49
CA LEU A 25 -28.59 -1.48 -2.17
C LEU A 25 -27.41 -1.06 -1.28
N ALA A 26 -26.18 -1.16 -1.82
CA ALA A 26 -24.96 -0.94 -1.02
C ALA A 26 -24.87 0.41 -0.32
N LEU A 27 -25.31 1.48 -0.99
CA LEU A 27 -25.13 2.84 -0.43
C LEU A 27 -26.24 3.20 0.57
N SER A 28 -27.22 2.31 0.73
CA SER A 28 -28.35 2.57 1.60
C SER A 28 -28.18 1.92 2.98
N LEU A 29 -27.13 1.12 3.13
CA LEU A 29 -26.93 0.35 4.34
C LEU A 29 -26.49 1.22 5.51
N THR A 30 -27.03 0.97 6.70
CA THR A 30 -26.43 1.54 7.90
C THR A 30 -25.14 0.78 8.24
N ALA A 31 -24.34 1.39 9.09
CA ALA A 31 -23.11 0.75 9.57
C ALA A 31 -23.39 -0.65 10.12
N ASP A 32 -24.35 -0.78 11.02
CA ASP A 32 -24.70 -2.10 11.56
C ASP A 32 -25.05 -3.10 10.46
N GLN A 33 -25.81 -2.63 9.47
CA GLN A 33 -26.20 -3.47 8.34
C GLN A 33 -25.02 -3.92 7.48
N MET A 34 -24.11 -3.00 7.21
CA MET A 34 -22.91 -3.31 6.47
C MET A 34 -22.11 -4.40 7.17
N VAL A 35 -21.94 -4.27 8.48
CA VAL A 35 -21.15 -5.20 9.27
C VAL A 35 -21.78 -6.59 9.23
N SER A 36 -23.09 -6.64 9.43
CA SER A 36 -23.83 -7.89 9.29
C SER A 36 -23.65 -8.52 7.93
N ALA A 37 -23.82 -7.74 6.88
CA ALA A 37 -23.68 -8.27 5.52
C ALA A 37 -22.29 -8.92 5.40
N LEU A 38 -21.26 -8.18 5.82
CA LEU A 38 -19.88 -8.63 5.71
C LEU A 38 -19.62 -9.85 6.61
N LEU A 39 -20.16 -9.88 7.82
CA LEU A 39 -19.95 -11.05 8.68
C LEU A 39 -20.60 -12.29 8.07
N ASP A 40 -21.81 -12.13 7.58
CA ASP A 40 -22.57 -13.19 6.93
C ASP A 40 -21.94 -13.69 5.62
N ALA A 41 -21.19 -12.83 4.93
CA ALA A 41 -20.56 -13.19 3.67
C ALA A 41 -19.36 -14.17 3.83
N GLU A 42 -18.87 -14.32 5.04
CA GLU A 42 -17.57 -14.94 5.26
C GLU A 42 -17.49 -16.33 4.66
N PRO A 43 -16.36 -16.66 4.01
CA PRO A 43 -16.24 -17.98 3.44
C PRO A 43 -15.96 -18.99 4.57
N PRO A 44 -16.15 -20.28 4.30
CA PRO A 44 -15.81 -21.33 5.26
C PRO A 44 -14.32 -21.45 5.56
N ILE A 45 -13.98 -21.89 6.77
CA ILE A 45 -12.57 -22.10 7.14
C ILE A 45 -12.17 -23.50 6.68
N LEU A 46 -11.18 -23.60 5.81
CA LEU A 46 -10.87 -24.84 5.13
C LEU A 46 -9.82 -25.63 5.87
N TYR A 47 -9.91 -26.97 5.79
CA TYR A 47 -8.90 -27.84 6.32
C TYR A 47 -7.95 -28.28 5.21
N SER A 48 -6.71 -28.45 5.59
CA SER A 48 -5.68 -28.98 4.72
C SER A 48 -5.85 -30.48 4.56
N GLU A 49 -5.08 -31.09 3.66
CA GLU A 49 -5.11 -32.55 3.48
C GLU A 49 -4.02 -33.25 4.36
N TYR A 50 -3.19 -32.44 5.05
CA TYR A 50 -2.08 -32.93 5.92
C TYR A 50 -2.32 -34.31 6.54
N PRO A 55 6.46 -34.73 8.07
CA PRO A 55 7.59 -35.04 7.17
C PRO A 55 7.57 -34.23 5.86
N PHE A 56 8.14 -33.01 5.88
CA PHE A 56 8.02 -32.08 4.73
C PHE A 56 9.12 -32.18 3.67
N SER A 57 8.88 -31.47 2.58
CA SER A 57 9.89 -31.14 1.58
C SER A 57 9.43 -29.83 0.96
N GLU A 58 10.16 -29.32 -0.02
CA GLU A 58 9.68 -28.15 -0.76
C GLU A 58 8.42 -28.51 -1.56
N ALA A 59 8.42 -29.70 -2.18
CA ALA A 59 7.33 -30.15 -3.03
C ALA A 59 6.02 -30.43 -2.25
N SER A 60 6.10 -31.24 -1.19
CA SER A 60 4.89 -31.65 -0.47
C SER A 60 4.23 -30.48 0.26
N MET A 61 5.04 -29.63 0.91
CA MET A 61 4.50 -28.43 1.55
C MET A 61 3.89 -27.49 0.53
N MET A 62 4.59 -27.23 -0.56
CA MET A 62 4.01 -26.40 -1.61
C MET A 62 2.77 -27.06 -2.19
N GLY A 63 2.81 -28.38 -2.31
CA GLY A 63 1.64 -29.14 -2.70
C GLY A 63 0.46 -28.85 -1.80
N LEU A 64 0.67 -28.98 -0.48
CA LEU A 64 -0.40 -28.76 0.48
C LEU A 64 -0.90 -27.31 0.47
N LEU A 65 0.04 -26.35 0.47
CA LEU A 65 -0.33 -24.92 0.39
C LEU A 65 -1.01 -24.52 -0.94
N THR A 66 -0.60 -25.15 -2.04
CA THR A 66 -1.22 -24.88 -3.33
C THR A 66 -2.66 -25.39 -3.36
N ASN A 67 -2.84 -26.62 -2.90
CA ASN A 67 -4.16 -27.21 -2.79
C ASN A 67 -5.11 -26.30 -2.00
N LEU A 68 -4.61 -25.73 -0.91
CA LEU A 68 -5.40 -24.94 -0.02
C LEU A 68 -5.75 -23.60 -0.68
N ALA A 69 -4.72 -22.91 -1.18
CA ALA A 69 -4.93 -21.64 -1.91
C ALA A 69 -5.98 -21.80 -3.02
N ASP A 70 -5.84 -22.84 -3.83
CA ASP A 70 -6.77 -23.03 -4.94
C ASP A 70 -8.19 -23.28 -4.43
N ARG A 71 -8.34 -24.09 -3.39
CA ARG A 71 -9.68 -24.31 -2.85
C ARG A 71 -10.23 -23.03 -2.19
N GLU A 72 -9.38 -22.22 -1.56
CA GLU A 72 -9.88 -20.97 -0.98
C GLU A 72 -10.33 -20.01 -2.06
N LEU A 73 -9.64 -20.04 -3.17
CA LEU A 73 -9.94 -19.11 -4.25
C LEU A 73 -11.38 -19.35 -4.77
N VAL A 74 -11.77 -20.61 -4.89
CA VAL A 74 -13.14 -20.93 -5.29
C VAL A 74 -14.14 -20.27 -4.32
N HIS A 75 -13.84 -20.28 -3.03
CA HIS A 75 -14.75 -19.69 -2.06
C HIS A 75 -14.66 -18.19 -2.01
N MET A 76 -13.50 -17.64 -2.33
CA MET A 76 -13.31 -16.18 -2.35
C MET A 76 -14.19 -15.54 -3.41
N ILE A 77 -14.30 -16.20 -4.55
CA ILE A 77 -15.08 -15.68 -5.65
C ILE A 77 -16.53 -15.54 -5.20
N ASN A 78 -17.07 -16.59 -4.59
CA ASN A 78 -18.42 -16.52 -4.07
C ASN A 78 -18.54 -15.45 -2.99
N TRP A 79 -17.52 -15.31 -2.16
CA TRP A 79 -17.55 -14.27 -1.15
C TRP A 79 -17.59 -12.87 -1.79
N ALA A 80 -16.80 -12.65 -2.83
CA ALA A 80 -16.77 -11.34 -3.49
C ALA A 80 -18.16 -10.91 -3.94
N LYS A 81 -18.92 -11.85 -4.48
CA LYS A 81 -20.27 -11.55 -4.95
C LYS A 81 -21.18 -11.06 -3.83
N ARG A 82 -20.84 -11.39 -2.58
CA ARG A 82 -21.65 -11.03 -1.44
C ARG A 82 -21.17 -9.73 -0.79
N VAL A 83 -20.07 -9.17 -1.27
CA VAL A 83 -19.58 -7.87 -0.79
C VAL A 83 -20.41 -6.75 -1.42
N PRO A 84 -21.06 -5.93 -0.59
CA PRO A 84 -21.91 -4.87 -1.15
C PRO A 84 -21.19 -4.00 -2.16
N GLY A 85 -21.81 -3.79 -3.31
CA GLY A 85 -21.24 -2.97 -4.38
C GLY A 85 -20.65 -3.82 -5.49
N PHE A 86 -20.06 -4.96 -5.13
CA PHE A 86 -19.23 -5.70 -6.06
C PHE A 86 -19.97 -6.07 -7.33
N VAL A 87 -21.14 -6.68 -7.21
CA VAL A 87 -21.86 -7.16 -8.42
C VAL A 87 -22.50 -6.03 -9.22
N ASP A 88 -22.54 -4.81 -8.68
CA ASP A 88 -22.94 -3.62 -9.46
C ASP A 88 -21.91 -3.30 -10.56
N LEU A 89 -20.67 -3.79 -10.43
CA LEU A 89 -19.64 -3.47 -11.42
C LEU A 89 -19.81 -4.35 -12.62
N THR A 90 -19.15 -4.00 -13.71
CA THR A 90 -19.14 -4.85 -14.88
C THR A 90 -18.35 -6.12 -14.61
N LEU A 91 -18.63 -7.13 -15.41
CA LEU A 91 -18.00 -8.43 -15.29
C LEU A 91 -16.49 -8.30 -15.49
N HIS A 92 -16.07 -7.52 -16.48
CA HIS A 92 -14.66 -7.29 -16.72
C HIS A 92 -13.93 -6.72 -15.49
N ASP A 93 -14.57 -5.77 -14.79
CA ASP A 93 -13.96 -5.16 -13.60
C ASP A 93 -14.04 -6.03 -12.36
N GLN A 94 -15.07 -6.86 -12.29
CA GLN A 94 -15.18 -7.79 -11.16
C GLN A 94 -14.00 -8.76 -11.27
N VAL A 95 -13.79 -9.27 -12.48
CA VAL A 95 -12.66 -10.14 -12.75
C VAL A 95 -11.35 -9.45 -12.37
N HIS A 96 -11.15 -8.25 -12.87
CA HIS A 96 -9.91 -7.52 -12.64
C HIS A 96 -9.61 -7.31 -11.16
N LEU A 97 -10.62 -6.92 -10.38
CA LEU A 97 -10.45 -6.71 -8.96
C LEU A 97 -9.92 -7.97 -8.24
N LEU A 98 -10.53 -9.11 -8.52
CA LEU A 98 -10.12 -10.37 -7.92
C LEU A 98 -8.75 -10.79 -8.42
N GLU A 99 -8.48 -10.56 -9.67
CA GLU A 99 -7.18 -10.87 -10.24
C GLU A 99 -6.04 -10.07 -9.57
N CYS A 100 -6.30 -8.80 -9.24
CA CYS A 100 -5.32 -7.99 -8.55
C CYS A 100 -5.24 -8.30 -7.07
N ALA A 101 -6.35 -8.69 -6.44
CA ALA A 101 -6.46 -8.78 -4.97
C ALA A 101 -6.32 -10.16 -4.33
N TRP A 102 -6.39 -11.24 -5.12
CA TRP A 102 -6.64 -12.54 -4.52
C TRP A 102 -5.57 -12.94 -3.52
N LEU A 103 -4.30 -12.69 -3.82
CA LEU A 103 -3.24 -13.06 -2.88
C LEU A 103 -3.27 -12.17 -1.62
N GLU A 104 -3.58 -10.89 -1.77
CA GLU A 104 -3.75 -10.03 -0.58
C GLU A 104 -4.84 -10.61 0.30
N ILE A 105 -5.93 -11.03 -0.30
CA ILE A 105 -7.04 -11.53 0.48
C ILE A 105 -6.68 -12.85 1.15
N LEU A 106 -5.93 -13.72 0.47
CA LEU A 106 -5.49 -14.96 1.13
C LEU A 106 -4.63 -14.57 2.33
N MET A 107 -3.74 -13.61 2.10
CA MET A 107 -2.78 -13.26 3.10
C MET A 107 -3.44 -12.60 4.33
N ILE A 108 -4.42 -11.73 4.11
CA ILE A 108 -5.05 -11.10 5.26
C ILE A 108 -5.85 -12.12 6.07
N GLY A 109 -6.43 -13.10 5.39
CA GLY A 109 -7.10 -14.17 6.07
C GLY A 109 -6.15 -14.94 6.94
N LEU A 110 -5.01 -15.31 6.37
CA LEU A 110 -3.98 -16.08 7.09
C LEU A 110 -3.60 -15.33 8.38
N VAL A 111 -3.23 -14.08 8.18
CA VAL A 111 -2.74 -13.24 9.23
C VAL A 111 -3.79 -13.03 10.33
N TRP A 112 -5.05 -12.92 9.96
CA TRP A 112 -6.12 -12.85 10.96
C TRP A 112 -6.26 -14.15 11.77
N ARG A 113 -6.23 -15.29 11.11
CA ARG A 113 -6.45 -16.52 11.89
C ARG A 113 -5.20 -16.95 12.64
N SER A 114 -4.07 -16.35 12.29
CA SER A 114 -2.83 -16.57 13.01
C SER A 114 -2.64 -15.69 14.27
N MET A 115 -3.54 -14.73 14.50
CA MET A 115 -3.39 -13.76 15.59
C MET A 115 -3.20 -14.37 16.97
N GLU A 116 -3.96 -15.41 17.29
CA GLU A 116 -3.80 -16.06 18.57
C GLU A 116 -2.76 -17.19 18.56
N HIS A 117 -1.85 -17.18 17.59
CA HIS A 117 -0.77 -18.17 17.56
C HIS A 117 0.58 -17.58 17.27
N PRO A 118 1.08 -16.74 18.19
CA PRO A 118 2.37 -16.07 18.00
C PRO A 118 3.47 -17.02 17.58
N GLY A 119 4.32 -16.57 16.65
CA GLY A 119 5.40 -17.39 16.13
C GLY A 119 4.96 -18.42 15.09
N LYS A 120 3.66 -18.48 14.78
CA LYS A 120 3.13 -19.49 13.91
C LYS A 120 2.12 -18.94 12.91
N LEU A 121 2.03 -19.54 11.73
CA LEU A 121 1.02 -19.16 10.74
C LEU A 121 0.03 -20.29 10.63
N LEU A 122 -1.25 -19.98 10.80
CA LEU A 122 -2.30 -20.99 10.81
C LEU A 122 -2.89 -21.03 9.41
N PHE A 123 -2.23 -21.74 8.51
CA PHE A 123 -2.77 -21.87 7.18
C PHE A 123 -4.13 -22.53 7.21
N ALA A 124 -4.28 -23.52 8.09
CA ALA A 124 -5.53 -24.19 8.32
C ALA A 124 -5.49 -24.70 9.77
N PRO A 125 -6.65 -25.02 10.38
CA PRO A 125 -6.64 -25.52 11.76
C PRO A 125 -5.77 -26.74 11.96
N ASN A 126 -5.64 -27.58 10.94
CA ASN A 126 -4.76 -28.74 10.99
C ASN A 126 -3.42 -28.50 10.27
N LEU A 127 -3.04 -27.23 10.03
CA LEU A 127 -1.77 -26.88 9.34
C LEU A 127 -1.14 -25.57 9.83
N LEU A 128 -0.37 -25.69 10.91
CA LEU A 128 0.09 -24.56 11.68
C LEU A 128 1.62 -24.61 11.63
N LEU A 129 2.23 -23.60 11.06
CA LEU A 129 3.63 -23.63 10.65
C LEU A 129 4.45 -22.52 11.30
N ASP A 130 5.69 -22.82 11.68
CA ASP A 130 6.56 -21.75 12.18
C ASP A 130 7.61 -21.35 11.15
N ARG A 131 8.39 -20.32 11.47
CA ARG A 131 9.30 -19.74 10.50
C ARG A 131 10.38 -20.73 10.05
N ASN A 132 10.71 -21.73 10.87
CA ASN A 132 11.67 -22.79 10.48
C ASN A 132 11.17 -23.75 9.41
N GLN A 133 9.85 -23.87 9.28
CA GLN A 133 9.26 -24.65 8.20
C GLN A 133 9.14 -23.78 6.95
N GLY A 134 9.04 -22.48 7.15
CA GLY A 134 9.21 -21.56 6.04
C GLY A 134 10.48 -21.84 5.27
N LYS A 135 11.57 -22.10 5.99
CA LYS A 135 12.89 -22.33 5.38
C LYS A 135 12.93 -23.59 4.50
N CYS A 136 11.86 -24.41 4.55
CA CYS A 136 11.77 -25.62 3.70
C CYS A 136 11.67 -25.30 2.21
N VAL A 137 11.13 -24.13 1.90
CA VAL A 137 10.99 -23.68 0.53
C VAL A 137 11.91 -22.48 0.30
N GLU A 138 12.84 -22.58 -0.65
CA GLU A 138 13.78 -21.49 -0.94
C GLU A 138 12.99 -20.21 -1.16
N GLY A 139 13.46 -19.13 -0.53
CA GLY A 139 12.85 -17.81 -0.67
C GLY A 139 11.54 -17.59 0.07
N MET A 140 11.11 -18.54 0.89
CA MET A 140 9.82 -18.41 1.57
C MET A 140 9.91 -17.79 2.95
N VAL A 141 11.04 -17.87 3.61
CA VAL A 141 11.10 -17.41 4.99
C VAL A 141 10.89 -15.90 5.08
N GLU A 142 11.42 -15.16 4.12
CA GLU A 142 11.34 -13.71 4.15
C GLU A 142 9.89 -13.28 4.20
N ILE A 143 9.04 -13.96 3.44
CA ILE A 143 7.61 -13.63 3.37
C ILE A 143 6.92 -14.15 4.63
N PHE A 144 7.30 -15.33 5.12
CA PHE A 144 6.78 -15.84 6.40
C PHE A 144 6.98 -14.83 7.50
N ASP A 145 8.20 -14.34 7.62
CA ASP A 145 8.52 -13.31 8.63
C ASP A 145 7.66 -12.05 8.51
N MET A 146 7.42 -11.60 7.28
CA MET A 146 6.52 -10.48 7.05
C MET A 146 5.09 -10.81 7.49
N LEU A 147 4.61 -12.00 7.16
CA LEU A 147 3.26 -12.39 7.55
C LEU A 147 3.16 -12.45 9.08
N LEU A 148 4.16 -13.06 9.73
CA LEU A 148 4.20 -13.11 11.19
C LEU A 148 4.23 -11.71 11.80
N ALA A 149 4.99 -10.80 11.21
CA ALA A 149 5.07 -9.45 11.74
C ALA A 149 3.70 -8.76 11.63
N THR A 150 2.97 -9.02 10.56
CA THR A 150 1.63 -8.47 10.39
C THR A 150 0.64 -9.07 11.41
N SER A 151 0.74 -10.37 11.64
CA SER A 151 -0.14 -11.00 12.60
C SER A 151 0.10 -10.45 14.02
N SER A 152 1.37 -10.28 14.36
CA SER A 152 1.75 -9.59 15.59
C SER A 152 1.11 -8.22 15.70
N ARG A 153 1.27 -7.42 14.66
CA ARG A 153 0.73 -6.09 14.65
C ARG A 153 -0.78 -6.13 14.93
N PHE A 154 -1.51 -7.07 14.32
CA PHE A 154 -2.96 -7.14 14.61
C PHE A 154 -3.22 -7.51 16.06
N ARG A 155 -2.36 -8.33 16.62
CA ARG A 155 -2.46 -8.80 18.02
C ARG A 155 -2.27 -7.61 18.96
N MET A 156 -1.20 -6.86 18.75
CA MET A 156 -0.90 -5.64 19.51
C MET A 156 -2.04 -4.60 19.43
N MET A 157 -2.81 -4.59 18.34
CA MET A 157 -3.88 -3.64 18.15
C MET A 157 -5.26 -4.15 18.58
N ASN A 158 -5.34 -5.40 19.02
CA ASN A 158 -6.61 -6.07 19.25
C ASN A 158 -7.60 -5.90 18.07
N LEU A 159 -7.12 -6.14 16.85
CA LEU A 159 -7.99 -6.13 15.69
C LEU A 159 -9.26 -6.94 15.96
N GLN A 160 -10.42 -6.33 15.75
CA GLN A 160 -11.69 -7.04 15.97
C GLN A 160 -12.17 -7.68 14.66
N GLY A 161 -12.95 -8.73 14.77
CA GLY A 161 -13.50 -9.43 13.60
C GLY A 161 -14.28 -8.49 12.69
N GLU A 162 -15.07 -7.60 13.28
CA GLU A 162 -15.80 -6.60 12.55
C GLU A 162 -14.84 -5.70 11.76
N GLU A 163 -13.71 -5.35 12.36
CA GLU A 163 -12.76 -4.51 11.65
C GLU A 163 -12.12 -5.31 10.53
N PHE A 164 -11.82 -6.58 10.80
CA PHE A 164 -11.24 -7.45 9.80
C PHE A 164 -12.10 -7.55 8.54
N VAL A 165 -13.37 -7.83 8.72
CA VAL A 165 -14.20 -7.98 7.53
C VAL A 165 -14.25 -6.67 6.74
N CYS A 166 -14.26 -5.52 7.42
CA CYS A 166 -14.16 -4.26 6.68
C CYS A 166 -12.86 -4.15 5.90
N LEU A 167 -11.72 -4.47 6.51
CA LEU A 167 -10.44 -4.36 5.82
C LEU A 167 -10.35 -5.29 4.62
N LYS A 168 -10.93 -6.47 4.73
CA LYS A 168 -10.85 -7.44 3.65
C LYS A 168 -11.64 -6.93 2.41
N SER A 169 -12.77 -6.27 2.64
CA SER A 169 -13.51 -5.70 1.54
C SER A 169 -12.82 -4.48 0.92
N ILE A 170 -12.15 -3.69 1.75
CA ILE A 170 -11.43 -2.55 1.25
C ILE A 170 -10.39 -3.08 0.28
N ILE A 171 -9.68 -4.16 0.64
CA ILE A 171 -8.66 -4.72 -0.23
C ILE A 171 -9.22 -5.12 -1.61
N LEU A 172 -10.33 -5.82 -1.60
CA LEU A 172 -10.98 -6.24 -2.84
C LEU A 172 -11.29 -5.03 -3.71
N LEU A 173 -11.98 -4.05 -3.12
CA LEU A 173 -12.44 -2.91 -3.90
C LEU A 173 -11.32 -1.93 -4.26
N ASN A 174 -10.27 -1.87 -3.47
CA ASN A 174 -9.21 -0.87 -3.68
C ASN A 174 -8.04 -1.29 -4.52
N SER A 175 -7.79 -2.56 -4.68
CA SER A 175 -6.46 -2.89 -5.16
C SER A 175 -6.37 -2.77 -6.68
N GLY A 176 -7.48 -3.05 -7.35
CA GLY A 176 -7.51 -2.89 -8.78
C GLY A 176 -8.06 -1.58 -9.31
N VAL A 177 -8.57 -0.71 -8.41
CA VAL A 177 -9.36 0.48 -8.85
C VAL A 177 -8.55 1.50 -9.65
N TYR A 178 -7.25 1.58 -9.36
CA TYR A 178 -6.40 2.57 -10.05
C TYR A 178 -5.96 2.09 -11.43
N THR A 179 -5.91 0.76 -11.62
CA THR A 179 -5.49 0.15 -12.91
C THR A 179 -6.62 -0.39 -13.83
N PHE A 180 -7.79 0.26 -13.87
CA PHE A 180 -8.73 0.06 -15.00
C PHE A 180 -8.17 0.84 -16.19
N LEU A 181 -8.94 0.93 -17.29
CA LEU A 181 -8.69 1.94 -18.32
C LEU A 181 -8.93 3.34 -17.69
N SER A 182 -8.66 4.40 -18.46
CA SER A 182 -8.80 5.77 -17.93
C SER A 182 -9.20 6.68 -19.07
N SER A 183 -9.79 7.83 -18.72
CA SER A 183 -10.30 8.80 -19.73
C SER A 183 -11.50 8.25 -20.53
N THR A 184 -11.95 7.05 -20.17
CA THR A 184 -13.18 6.42 -20.67
C THR A 184 -14.31 6.80 -19.69
N LEU A 185 -15.48 7.10 -20.25
CA LEU A 185 -16.67 7.41 -19.47
C LEU A 185 -17.08 6.26 -18.55
N LYS A 186 -17.04 5.02 -19.04
CA LYS A 186 -17.43 3.90 -18.22
C LYS A 186 -16.60 3.77 -16.97
N SER A 187 -15.30 3.99 -17.08
CA SER A 187 -14.38 3.84 -15.94
C SER A 187 -14.62 4.89 -14.89
N LEU A 188 -14.93 6.11 -15.33
CA LEU A 188 -15.31 7.20 -14.45
C LEU A 188 -16.48 6.76 -13.56
N GLU A 189 -17.56 6.26 -14.19
CA GLU A 189 -18.71 5.71 -13.44
C GLU A 189 -18.37 4.56 -12.52
N GLU A 190 -17.63 3.56 -12.99
CA GLU A 190 -17.13 2.47 -12.10
C GLU A 190 -16.33 2.95 -10.86
N LYS A 191 -15.31 3.78 -11.06
CA LYS A 191 -14.51 4.30 -9.93
C LYS A 191 -15.34 5.10 -8.95
N ASP A 192 -16.23 5.93 -9.46
CA ASP A 192 -17.07 6.69 -8.59
C ASP A 192 -17.85 5.75 -7.69
N HIS A 193 -18.47 4.74 -8.26
CA HIS A 193 -19.19 3.76 -7.47
C HIS A 193 -18.32 3.08 -6.40
N ILE A 194 -17.14 2.61 -6.78
CA ILE A 194 -16.25 2.00 -5.80
C ILE A 194 -15.89 2.99 -4.68
N HIS A 195 -15.51 4.20 -5.03
CA HIS A 195 -15.18 5.20 -4.00
C HIS A 195 -16.34 5.46 -3.02
N ARG A 196 -17.55 5.46 -3.53
CA ARG A 196 -18.67 5.64 -2.66
C ARG A 196 -18.84 4.47 -1.70
N VAL A 197 -18.66 3.25 -2.18
CA VAL A 197 -18.73 2.10 -1.29
C VAL A 197 -17.58 2.11 -0.29
N LEU A 198 -16.38 2.42 -0.76
CA LEU A 198 -15.27 2.56 0.18
C LEU A 198 -15.57 3.62 1.28
N ASP A 199 -16.15 4.75 0.92
CA ASP A 199 -16.60 5.74 1.94
C ASP A 199 -17.58 5.10 2.93
N LYS A 200 -18.50 4.28 2.44
CA LYS A 200 -19.39 3.59 3.38
C LYS A 200 -18.63 2.68 4.35
N ILE A 201 -17.63 1.94 3.85
CA ILE A 201 -16.86 1.07 4.73
C ILE A 201 -16.01 1.87 5.73
N THR A 202 -15.45 3.00 5.31
CA THR A 202 -14.83 3.88 6.28
C THR A 202 -15.82 4.29 7.36
N ASP A 203 -16.99 4.78 6.99
CA ASP A 203 -17.97 5.22 7.99
C ASP A 203 -18.25 4.11 8.98
N THR A 204 -18.28 2.88 8.46
CA THR A 204 -18.54 1.71 9.28
C THR A 204 -17.42 1.44 10.32
N LEU A 205 -16.18 1.53 9.87
CA LEU A 205 -15.04 1.40 10.75
C LEU A 205 -15.06 2.46 11.86
N ILE A 206 -15.30 3.71 11.51
CA ILE A 206 -15.35 4.73 12.52
C ILE A 206 -16.47 4.44 13.53
N HIS A 207 -17.58 3.94 13.02
CA HIS A 207 -18.72 3.64 13.85
C HIS A 207 -18.36 2.56 14.88
N LEU A 208 -17.64 1.53 14.47
CA LEU A 208 -17.25 0.48 15.41
C LEU A 208 -16.37 1.06 16.51
N MET A 209 -15.47 1.94 16.12
CA MET A 209 -14.55 2.54 17.06
C MET A 209 -15.27 3.47 18.04
N ALA A 210 -16.21 4.25 17.54
CA ALA A 210 -16.95 5.20 18.37
C ALA A 210 -17.84 4.43 19.36
N LYS A 211 -18.38 3.31 18.90
CA LYS A 211 -19.25 2.46 19.71
C LYS A 211 -18.44 1.81 20.84
N ALA A 212 -17.16 1.54 20.56
CA ALA A 212 -16.25 0.89 21.51
C ALA A 212 -15.69 1.84 22.54
N GLY A 213 -15.95 3.15 22.40
CA GLY A 213 -15.58 4.13 23.40
C GLY A 213 -14.47 5.11 23.01
N LEU A 214 -13.82 4.92 21.84
CA LEU A 214 -12.62 5.70 21.56
C LEU A 214 -12.96 7.17 21.34
N THR A 215 -12.03 8.05 21.70
CA THR A 215 -12.17 9.46 21.37
C THR A 215 -12.09 9.65 19.86
N LEU A 216 -12.55 10.80 19.39
CA LEU A 216 -12.37 11.15 17.99
C LEU A 216 -10.90 10.94 17.60
N GLN A 217 -9.99 11.51 18.39
CA GLN A 217 -8.58 11.37 18.13
C GLN A 217 -8.13 9.93 18.02
N GLN A 218 -8.59 9.12 18.95
CA GLN A 218 -8.23 7.72 18.96
C GLN A 218 -8.87 7.00 17.79
N GLN A 219 -10.00 7.49 17.32
CA GLN A 219 -10.66 6.91 16.14
C GLN A 219 -9.84 7.15 14.88
N HIS A 220 -9.52 8.42 14.63
CA HIS A 220 -8.77 8.70 13.43
C HIS A 220 -7.41 7.99 13.46
N GLN A 221 -6.83 7.85 14.66
CA GLN A 221 -5.51 7.27 14.75
C GLN A 221 -5.51 5.79 14.41
N ARG A 222 -6.51 5.07 14.93
CA ARG A 222 -6.63 3.63 14.69
C ARG A 222 -6.96 3.37 13.25
N LEU A 223 -7.89 4.14 12.71
CA LEU A 223 -8.22 4.03 11.26
C LEU A 223 -6.95 4.14 10.40
N ALA A 224 -6.15 5.18 10.65
CA ALA A 224 -4.90 5.37 9.91
C ALA A 224 -4.02 4.12 10.10
N GLN A 225 -3.89 3.64 11.34
CA GLN A 225 -3.05 2.51 11.61
C GLN A 225 -3.51 1.28 10.78
N LEU A 226 -4.80 1.03 10.74
CA LEU A 226 -5.30 -0.09 10.00
C LEU A 226 -5.07 0.06 8.52
N LEU A 227 -5.28 1.24 7.97
CA LEU A 227 -5.12 1.38 6.52
C LEU A 227 -3.63 1.36 6.12
N LEU A 228 -2.74 1.80 7.00
CA LEU A 228 -1.31 1.75 6.70
C LEU A 228 -0.88 0.29 6.62
N ILE A 229 -1.52 -0.56 7.38
CA ILE A 229 -1.18 -1.98 7.32
C ILE A 229 -1.54 -2.59 5.96
N LEU A 230 -2.51 -2.01 5.26
CA LEU A 230 -2.92 -2.49 3.96
C LEU A 230 -1.84 -2.32 2.93
N SER A 231 -1.00 -1.29 3.08
CA SER A 231 0.07 -1.16 2.10
C SER A 231 1.15 -2.18 2.41
N HIS A 232 1.26 -2.60 3.67
CA HIS A 232 2.20 -3.69 3.94
C HIS A 232 1.69 -5.01 3.32
N ILE A 233 0.39 -5.23 3.39
CA ILE A 233 -0.18 -6.40 2.77
C ILE A 233 -0.04 -6.39 1.23
N ARG A 234 -0.16 -5.21 0.61
CA ARG A 234 0.07 -5.09 -0.81
C ARG A 234 1.49 -5.50 -1.13
N HIS A 235 2.41 -4.99 -0.34
CA HIS A 235 3.82 -5.30 -0.52
C HIS A 235 4.08 -6.80 -0.40
N MET A 236 3.51 -7.45 0.60
CA MET A 236 3.67 -8.91 0.78
C MET A 236 3.10 -9.69 -0.40
N SER A 237 1.91 -9.31 -0.84
CA SER A 237 1.36 -9.90 -2.03
C SER A 237 2.30 -9.77 -3.24
N ASN A 238 2.86 -8.58 -3.48
CA ASN A 238 3.73 -8.39 -4.66
C ASN A 238 4.98 -9.25 -4.52
N LYS A 239 5.53 -9.32 -3.33
CA LYS A 239 6.70 -10.15 -3.07
C LYS A 239 6.36 -11.64 -3.24
N GLY A 240 5.17 -12.02 -2.79
CA GLY A 240 4.64 -13.36 -2.96
C GLY A 240 4.48 -13.81 -4.40
N MET A 241 3.82 -12.99 -5.22
CA MET A 241 3.68 -13.27 -6.66
C MET A 241 5.05 -13.49 -7.28
N GLU A 242 5.99 -12.66 -6.87
CA GLU A 242 7.36 -12.67 -7.36
C GLU A 242 8.04 -14.00 -7.02
N HIS A 243 7.80 -14.46 -5.79
CA HIS A 243 8.31 -15.75 -5.29
C HIS A 243 7.61 -16.92 -5.96
N LEU A 244 6.29 -16.84 -6.11
CA LEU A 244 5.51 -17.91 -6.74
C LEU A 244 5.86 -18.09 -8.20
N TYR A 245 5.85 -16.99 -8.95
CA TYR A 245 6.21 -17.00 -10.37
C TYR A 245 7.59 -17.67 -10.58
N SER A 246 8.52 -17.41 -9.66
CA SER A 246 9.89 -17.94 -9.81
C SER A 246 10.02 -19.43 -9.50
N MET A 247 8.98 -20.05 -8.92
CA MET A 247 8.92 -21.51 -8.80
C MET A 247 8.44 -22.13 -10.13
N LYS A 248 7.45 -21.49 -10.78
CA LYS A 248 7.04 -21.87 -12.14
C LYS A 248 8.19 -21.68 -13.14
N LEU B 25 11.61 15.57 20.78
CA LEU B 25 11.18 16.79 20.05
C LEU B 25 9.96 16.46 19.19
N ALA B 26 10.02 15.39 18.41
CA ALA B 26 8.94 15.06 17.45
C ALA B 26 7.53 14.92 18.06
N LEU B 27 7.46 14.32 19.26
CA LEU B 27 6.14 14.03 19.86
C LEU B 27 5.57 15.25 20.57
N SER B 28 6.34 16.32 20.64
CA SER B 28 5.93 17.53 21.36
C SER B 28 5.37 18.59 20.42
N LEU B 29 5.43 18.35 19.11
CA LEU B 29 5.03 19.33 18.12
C LEU B 29 3.50 19.43 18.06
N THR B 30 3.01 20.66 17.91
CA THR B 30 1.60 20.86 17.54
C THR B 30 1.45 20.59 16.06
N ALA B 31 0.21 20.42 15.61
CA ALA B 31 -0.06 20.20 14.20
C ALA B 31 0.55 21.30 13.31
N ASP B 32 0.32 22.57 13.65
CA ASP B 32 0.92 23.67 12.88
C ASP B 32 2.44 23.57 12.81
N GLN B 33 3.06 23.17 13.91
CA GLN B 33 4.51 23.02 13.97
C GLN B 33 5.02 21.87 13.10
N MET B 34 4.31 20.75 13.14
CA MET B 34 4.64 19.61 12.31
C MET B 34 4.59 19.99 10.83
N VAL B 35 3.53 20.69 10.44
CA VAL B 35 3.37 21.11 9.05
C VAL B 35 4.52 22.02 8.62
N SER B 36 4.85 23.00 9.45
CA SER B 36 5.98 23.89 9.19
C SER B 36 7.29 23.14 9.01
N ALA B 37 7.55 22.23 9.96
CA ALA B 37 8.76 21.43 9.93
C ALA B 37 8.84 20.68 8.60
N LEU B 38 7.74 20.06 8.20
CA LEU B 38 7.69 19.32 6.95
C LEU B 38 7.82 20.22 5.71
N LEU B 39 7.13 21.35 5.69
CA LEU B 39 7.25 22.27 4.56
C LEU B 39 8.68 22.75 4.40
N ASP B 40 9.29 23.12 5.53
CA ASP B 40 10.67 23.61 5.56
C ASP B 40 11.69 22.56 5.16
N ALA B 41 11.37 21.30 5.43
CA ALA B 41 12.25 20.19 5.13
C ALA B 41 12.38 19.87 3.63
N GLU B 42 11.47 20.39 2.80
CA GLU B 42 11.38 19.98 1.39
C GLU B 42 12.70 20.06 0.64
N PRO B 43 12.98 19.08 -0.22
CA PRO B 43 14.24 19.16 -0.98
C PRO B 43 14.04 20.12 -2.15
N PRO B 44 15.12 20.56 -2.77
CA PRO B 44 14.99 21.38 -3.98
C PRO B 44 14.32 20.65 -5.15
N ILE B 45 13.64 21.40 -6.04
CA ILE B 45 13.14 20.87 -7.30
C ILE B 45 14.30 20.88 -8.31
N LEU B 46 14.65 19.73 -8.87
CA LEU B 46 15.83 19.58 -9.70
C LEU B 46 15.57 19.75 -11.21
N TYR B 47 16.52 20.31 -11.94
CA TYR B 47 16.42 20.40 -13.39
C TYR B 47 17.18 19.26 -14.02
N SER B 48 16.67 18.80 -15.15
CA SER B 48 17.28 17.78 -15.96
C SER B 48 18.47 18.37 -16.73
N GLU B 49 19.33 17.52 -17.27
CA GLU B 49 20.48 17.97 -18.07
C GLU B 49 20.06 18.24 -19.53
N TYR B 50 18.84 17.84 -19.89
CA TYR B 50 18.29 18.06 -21.22
C TYR B 50 18.37 19.52 -21.63
N ASP B 51 18.83 19.75 -22.86
CA ASP B 51 18.93 21.07 -23.44
C ASP B 51 17.90 21.17 -24.57
N PRO B 52 16.79 21.89 -24.32
CA PRO B 52 15.73 21.94 -25.34
C PRO B 52 16.12 22.72 -26.57
N THR B 53 17.17 23.53 -26.50
CA THR B 53 17.68 24.15 -27.72
C THR B 53 18.52 23.19 -28.60
N ARG B 54 18.66 21.92 -28.18
CA ARG B 54 19.29 20.90 -29.03
C ARG B 54 18.38 19.71 -29.22
N PRO B 55 17.19 19.93 -29.78
CA PRO B 55 16.20 18.84 -29.85
C PRO B 55 16.51 17.70 -30.85
N PHE B 56 17.38 17.92 -31.82
CA PHE B 56 17.66 16.93 -32.84
C PHE B 56 18.90 16.10 -32.55
N SER B 57 19.51 16.36 -31.39
CA SER B 57 20.64 15.57 -30.92
C SER B 57 20.19 14.29 -30.24
N GLU B 58 21.11 13.32 -30.22
CA GLU B 58 20.89 12.03 -29.58
C GLU B 58 20.79 12.25 -28.08
N ALA B 59 19.63 11.93 -27.52
CA ALA B 59 19.41 12.00 -26.09
C ALA B 59 18.90 10.64 -25.61
N SER B 60 19.26 10.27 -24.39
CA SER B 60 18.89 8.99 -23.83
C SER B 60 17.86 9.20 -22.74
N MET B 61 16.65 8.73 -22.96
CA MET B 61 15.62 8.86 -21.94
C MET B 61 16.09 8.29 -20.60
N MET B 62 16.52 7.01 -20.57
CA MET B 62 16.91 6.38 -19.30
C MET B 62 18.11 7.07 -18.68
N GLY B 63 19.06 7.46 -19.51
CA GLY B 63 20.22 8.22 -19.03
C GLY B 63 19.81 9.47 -18.28
N LEU B 64 18.92 10.27 -18.89
CA LEU B 64 18.43 11.50 -18.27
C LEU B 64 17.61 11.23 -17.00
N LEU B 65 16.70 10.26 -17.05
CA LEU B 65 15.95 9.87 -15.86
C LEU B 65 16.85 9.31 -14.75
N THR B 66 17.85 8.52 -15.10
CA THR B 66 18.76 7.98 -14.10
C THR B 66 19.55 9.10 -13.42
N ASN B 67 20.08 9.99 -14.23
CA ASN B 67 20.85 11.12 -13.71
C ASN B 67 20.02 11.92 -12.69
N LEU B 68 18.73 12.10 -12.99
CA LEU B 68 17.83 12.84 -12.16
C LEU B 68 17.53 12.07 -10.86
N ALA B 69 17.12 10.80 -10.99
CA ALA B 69 16.82 9.93 -9.83
C ALA B 69 18.00 9.92 -8.85
N ASP B 70 19.21 9.70 -9.37
CA ASP B 70 20.41 9.67 -8.53
C ASP B 70 20.68 11.00 -7.84
N ARG B 71 20.49 12.12 -8.52
CA ARG B 71 20.67 13.39 -7.86
C ARG B 71 19.55 13.67 -6.86
N GLU B 72 18.32 13.24 -7.14
CA GLU B 72 17.27 13.44 -6.16
C GLU B 72 17.55 12.63 -4.89
N LEU B 73 18.07 11.43 -5.06
CA LEU B 73 18.32 10.55 -3.93
C LEU B 73 19.25 11.22 -2.93
N VAL B 74 20.31 11.87 -3.41
CA VAL B 74 21.23 12.61 -2.54
C VAL B 74 20.46 13.62 -1.69
N HIS B 75 19.46 14.29 -2.26
CA HIS B 75 18.72 15.30 -1.52
C HIS B 75 17.68 14.67 -0.62
N MET B 76 17.20 13.49 -1.01
CA MET B 76 16.18 12.80 -0.25
C MET B 76 16.76 12.38 1.10
N ILE B 77 18.04 12.00 1.09
CA ILE B 77 18.67 11.56 2.31
C ILE B 77 18.67 12.74 3.29
N ASN B 78 19.10 13.90 2.82
CA ASN B 78 19.15 15.08 3.69
C ASN B 78 17.74 15.45 4.15
N TRP B 79 16.78 15.31 3.26
CA TRP B 79 15.38 15.53 3.66
C TRP B 79 14.94 14.55 4.77
N ALA B 80 15.28 13.27 4.64
CA ALA B 80 14.91 12.30 5.68
C ALA B 80 15.39 12.72 7.09
N LYS B 81 16.60 13.24 7.16
CA LYS B 81 17.15 13.68 8.44
C LYS B 81 16.32 14.81 9.07
N ARG B 82 15.59 15.55 8.25
CA ARG B 82 14.79 16.67 8.72
C ARG B 82 13.35 16.26 9.05
N VAL B 83 12.98 15.02 8.75
CA VAL B 83 11.65 14.53 9.13
C VAL B 83 11.60 14.20 10.63
N PRO B 84 10.69 14.84 11.37
CA PRO B 84 10.65 14.58 12.81
C PRO B 84 10.52 13.12 13.16
N GLY B 85 11.39 12.66 14.05
CA GLY B 85 11.41 11.28 14.46
C GLY B 85 12.52 10.47 13.83
N PHE B 86 12.88 10.79 12.60
CA PHE B 86 13.77 9.95 11.82
C PHE B 86 15.13 9.72 12.45
N VAL B 87 15.77 10.81 12.90
CA VAL B 87 17.15 10.67 13.44
C VAL B 87 17.15 10.09 14.83
N ASP B 88 16.00 9.97 15.48
CA ASP B 88 15.92 9.23 16.74
C ASP B 88 16.14 7.71 16.58
N LEU B 89 15.97 7.20 15.35
CA LEU B 89 16.13 5.77 15.13
C LEU B 89 17.59 5.45 15.04
N THR B 90 17.93 4.17 15.10
CA THR B 90 19.31 3.74 14.88
C THR B 90 19.67 3.94 13.43
N LEU B 91 20.98 3.99 13.19
CA LEU B 91 21.53 4.17 11.87
C LEU B 91 21.09 3.04 10.96
N HIS B 92 21.14 1.81 11.44
CA HIS B 92 20.76 0.66 10.63
C HIS B 92 19.31 0.77 10.13
N ASP B 93 18.40 1.22 11.00
CA ASP B 93 17.00 1.37 10.65
C ASP B 93 16.76 2.58 9.78
N GLN B 94 17.55 3.63 9.98
CA GLN B 94 17.43 4.81 9.12
C GLN B 94 17.75 4.39 7.68
N VAL B 95 18.87 3.67 7.52
CA VAL B 95 19.27 3.11 6.25
C VAL B 95 18.18 2.24 5.67
N HIS B 96 17.62 1.35 6.46
CA HIS B 96 16.60 0.41 5.98
C HIS B 96 15.33 1.11 5.46
N LEU B 97 14.88 2.13 6.19
CA LEU B 97 13.69 2.88 5.81
C LEU B 97 13.86 3.50 4.43
N LEU B 98 15.00 4.14 4.20
CA LEU B 98 15.25 4.79 2.93
C LEU B 98 15.42 3.74 1.85
N GLU B 99 16.07 2.66 2.17
CA GLU B 99 16.26 1.59 1.20
C GLU B 99 14.93 0.99 0.72
N CYS B 100 13.96 0.85 1.63
CA CYS B 100 12.63 0.36 1.25
C CYS B 100 11.77 1.44 0.58
N ALA B 101 11.96 2.70 0.93
CA ALA B 101 11.03 3.75 0.51
C ALA B 101 11.45 4.62 -0.69
N TRP B 102 12.73 4.58 -1.08
CA TRP B 102 13.25 5.65 -1.94
C TRP B 102 12.47 5.78 -3.26
N LEU B 103 12.11 4.66 -3.87
CA LEU B 103 11.38 4.75 -5.14
C LEU B 103 9.95 5.27 -4.95
N GLU B 104 9.29 4.84 -3.88
CA GLU B 104 7.98 5.40 -3.54
C GLU B 104 8.08 6.90 -3.40
N ILE B 105 9.10 7.36 -2.70
CA ILE B 105 9.26 8.80 -2.47
C ILE B 105 9.53 9.55 -3.78
N LEU B 106 10.34 8.98 -4.65
CA LEU B 106 10.57 9.62 -5.97
C LEU B 106 9.26 9.71 -6.69
N MET B 107 8.50 8.62 -6.64
CA MET B 107 7.27 8.53 -7.40
C MET B 107 6.19 9.49 -6.89
N ILE B 108 6.03 9.63 -5.58
CA ILE B 108 4.99 10.51 -5.08
C ILE B 108 5.37 11.95 -5.39
N GLY B 109 6.67 12.27 -5.37
CA GLY B 109 7.12 13.63 -5.78
C GLY B 109 6.79 13.89 -7.25
N LEU B 110 7.00 12.90 -8.10
CA LEU B 110 6.70 13.04 -9.53
C LEU B 110 5.21 13.32 -9.70
N VAL B 111 4.44 12.46 -9.08
CA VAL B 111 2.99 12.52 -9.13
C VAL B 111 2.48 13.88 -8.63
N TRP B 112 3.06 14.39 -7.57
CA TRP B 112 2.63 15.68 -7.07
C TRP B 112 2.94 16.78 -8.06
N ARG B 113 4.13 16.80 -8.59
CA ARG B 113 4.42 17.93 -9.44
C ARG B 113 3.77 17.83 -10.81
N SER B 114 3.25 16.65 -11.14
CA SER B 114 2.52 16.41 -12.36
C SER B 114 1.02 16.72 -12.29
N MET B 115 0.51 17.04 -11.11
CA MET B 115 -0.93 17.26 -10.92
C MET B 115 -1.55 18.28 -11.86
N GLU B 116 -0.89 19.42 -12.05
CA GLU B 116 -1.44 20.44 -12.96
C GLU B 116 -1.02 20.22 -14.44
N HIS B 117 -0.59 19.01 -14.79
CA HIS B 117 -0.24 18.72 -16.19
C HIS B 117 -0.86 17.42 -16.70
N PRO B 118 -2.20 17.35 -16.76
CA PRO B 118 -2.93 16.14 -17.14
C PRO B 118 -2.36 15.53 -18.43
N GLY B 119 -2.26 14.21 -18.47
CA GLY B 119 -1.68 13.51 -19.60
C GLY B 119 -0.16 13.57 -19.67
N LYS B 120 0.51 14.22 -18.72
CA LYS B 120 1.96 14.36 -18.79
C LYS B 120 2.64 14.15 -17.44
N LEU B 121 3.88 13.67 -17.45
CA LEU B 121 4.64 13.56 -16.22
C LEU B 121 5.76 14.62 -16.18
N LEU B 122 5.79 15.42 -15.14
CA LEU B 122 6.80 16.49 -15.02
C LEU B 122 7.99 15.97 -14.22
N PHE B 123 8.85 15.21 -14.88
CA PHE B 123 10.03 14.69 -14.22
C PHE B 123 10.89 15.85 -13.71
N ALA B 124 10.93 16.92 -14.49
CA ALA B 124 11.64 18.14 -14.09
C ALA B 124 10.99 19.30 -14.84
N PRO B 125 11.13 20.53 -14.34
CA PRO B 125 10.46 21.62 -15.05
C PRO B 125 10.89 21.75 -16.50
N ASN B 126 12.07 21.29 -16.85
CA ASN B 126 12.52 21.25 -18.24
C ASN B 126 12.48 19.86 -18.85
N LEU B 127 11.69 18.96 -18.27
CA LEU B 127 11.51 17.64 -18.85
C LEU B 127 10.12 17.18 -18.54
N LEU B 128 9.17 17.73 -19.31
CA LEU B 128 7.74 17.44 -19.21
C LEU B 128 7.45 16.43 -20.32
N LEU B 129 7.14 15.18 -19.95
CA LEU B 129 6.98 14.12 -20.94
C LEU B 129 5.54 13.67 -21.13
N ASP B 130 5.11 13.63 -22.38
CA ASP B 130 3.79 13.10 -22.72
C ASP B 130 3.72 11.62 -22.39
N ARG B 131 2.54 11.20 -22.03
CA ARG B 131 2.23 9.74 -21.86
C ARG B 131 2.95 8.82 -22.87
N ASN B 132 2.94 9.19 -24.14
CA ASN B 132 3.47 8.31 -25.17
C ASN B 132 4.99 8.11 -25.16
N GLN B 133 5.72 8.98 -24.46
CA GLN B 133 7.15 8.80 -24.26
C GLN B 133 7.45 7.55 -23.39
N GLY B 134 6.44 7.05 -22.69
CA GLY B 134 6.56 5.75 -22.04
C GLY B 134 6.98 4.63 -22.98
N LYS B 135 6.41 4.64 -24.18
CA LYS B 135 6.69 3.61 -25.19
C LYS B 135 8.14 3.57 -25.66
N VAL B 137 10.82 3.22 -23.83
CA VAL B 137 11.51 2.19 -23.06
C VAL B 137 10.59 0.98 -22.90
N GLU B 138 11.06 -0.21 -23.29
CA GLU B 138 10.25 -1.44 -23.13
C GLU B 138 9.80 -1.55 -21.69
N GLY B 139 8.51 -1.86 -21.52
CA GLY B 139 7.92 -2.08 -20.20
C GLY B 139 7.69 -0.84 -19.36
N MET B 140 7.86 0.34 -19.92
CA MET B 140 7.71 1.55 -19.14
C MET B 140 6.34 2.17 -19.21
N VAL B 141 5.59 1.88 -20.26
CA VAL B 141 4.31 2.56 -20.41
C VAL B 141 3.31 2.16 -19.31
N GLU B 142 3.33 0.90 -18.88
CA GLU B 142 2.39 0.43 -17.85
C GLU B 142 2.57 1.29 -16.60
N ILE B 143 3.81 1.55 -16.23
CA ILE B 143 4.10 2.29 -15.00
C ILE B 143 3.80 3.79 -15.19
N PHE B 144 4.07 4.31 -16.39
CA PHE B 144 3.67 5.67 -16.71
C PHE B 144 2.20 5.88 -16.53
N ASP B 145 1.41 4.97 -17.08
CA ASP B 145 -0.06 5.03 -16.93
C ASP B 145 -0.47 5.01 -15.46
N MET B 146 0.16 4.15 -14.66
CA MET B 146 -0.14 4.11 -13.25
C MET B 146 0.24 5.43 -12.56
N LEU B 147 1.38 5.99 -12.93
CA LEU B 147 1.75 7.26 -12.35
C LEU B 147 0.75 8.34 -12.74
N LEU B 148 0.37 8.39 -14.02
CA LEU B 148 -0.63 9.34 -14.50
C LEU B 148 -1.98 9.16 -13.79
N ALA B 149 -2.39 7.92 -13.58
CA ALA B 149 -3.66 7.66 -12.90
C ALA B 149 -3.59 8.21 -11.47
N THR B 150 -2.44 8.05 -10.82
CA THR B 150 -2.27 8.58 -9.47
C THR B 150 -2.29 10.14 -9.46
N SER B 151 -1.66 10.73 -10.44
CA SER B 151 -1.65 12.19 -10.53
C SER B 151 -3.08 12.73 -10.72
N SER B 152 -3.82 12.07 -11.59
CA SER B 152 -5.23 12.36 -11.79
C SER B 152 -6.02 12.31 -10.51
N ARG B 153 -5.87 11.20 -9.80
CA ARG B 153 -6.53 11.02 -8.54
C ARG B 153 -6.23 12.13 -7.54
N PHE B 154 -4.98 12.57 -7.45
CA PHE B 154 -4.70 13.74 -6.58
C PHE B 154 -5.40 15.01 -7.06
N ARG B 155 -5.47 15.18 -8.37
CA ARG B 155 -6.10 16.34 -9.00
C ARG B 155 -7.57 16.36 -8.62
N MET B 156 -8.27 15.26 -8.88
CA MET B 156 -9.67 15.08 -8.52
C MET B 156 -9.95 15.35 -7.03
N MET B 157 -8.96 15.09 -6.17
CA MET B 157 -9.13 15.29 -4.74
C MET B 157 -8.70 16.65 -4.25
N ASN B 158 -8.14 17.49 -5.11
CA ASN B 158 -7.47 18.72 -4.70
C ASN B 158 -6.48 18.50 -3.54
N LEU B 159 -5.58 17.53 -3.70
CA LEU B 159 -4.53 17.29 -2.69
C LEU B 159 -3.80 18.58 -2.44
N GLN B 160 -3.67 18.95 -1.16
CA GLN B 160 -2.96 20.18 -0.78
C GLN B 160 -1.48 19.90 -0.49
N GLY B 161 -0.64 20.91 -0.65
CA GLY B 161 0.79 20.80 -0.35
C GLY B 161 1.08 20.33 1.06
N GLU B 162 0.32 20.86 2.02
CA GLU B 162 0.40 20.42 3.41
C GLU B 162 0.10 18.95 3.53
N GLU B 163 -0.90 18.47 2.81
CA GLU B 163 -1.26 17.04 2.88
C GLU B 163 -0.19 16.18 2.24
N PHE B 164 0.33 16.66 1.11
CA PHE B 164 1.40 15.94 0.40
C PHE B 164 2.62 15.72 1.29
N VAL B 165 3.10 16.77 1.97
CA VAL B 165 4.27 16.59 2.82
C VAL B 165 3.99 15.61 3.94
N CYS B 166 2.77 15.58 4.47
CA CYS B 166 2.43 14.55 5.45
C CYS B 166 2.48 13.17 4.85
N LEU B 167 2.00 13.01 3.63
CA LEU B 167 1.95 11.69 3.01
C LEU B 167 3.34 11.17 2.71
N LYS B 168 4.22 12.08 2.34
CA LYS B 168 5.59 11.69 1.97
C LYS B 168 6.34 11.19 3.22
N SER B 169 6.12 11.82 4.36
CA SER B 169 6.74 11.34 5.57
C SER B 169 6.16 10.02 6.05
N ILE B 170 4.86 9.81 5.88
CA ILE B 170 4.24 8.55 6.26
C ILE B 170 4.93 7.45 5.46
N ILE B 171 5.16 7.66 4.17
CA ILE B 171 5.80 6.66 3.32
C ILE B 171 7.19 6.27 3.87
N LEU B 172 7.97 7.28 4.24
CA LEU B 172 9.32 7.03 4.75
C LEU B 172 9.22 6.17 5.99
N LEU B 173 8.39 6.61 6.93
CA LEU B 173 8.30 5.95 8.22
C LEU B 173 7.59 4.61 8.17
N ASN B 174 6.65 4.43 7.25
CA ASN B 174 5.84 3.24 7.24
C ASN B 174 6.30 2.11 6.34
N SER B 175 7.19 2.34 5.40
CA SER B 175 7.32 1.30 4.39
C SER B 175 8.26 0.20 4.85
N GLY B 176 9.26 0.58 5.63
CA GLY B 176 10.17 -0.40 6.18
C GLY B 176 9.87 -0.89 7.59
N VAL B 177 8.82 -0.35 8.24
CA VAL B 177 8.60 -0.61 9.69
C VAL B 177 8.27 -2.08 10.01
N TYR B 178 7.62 -2.77 9.06
CA TYR B 178 7.18 -4.13 9.30
C TYR B 178 8.34 -5.12 9.10
N THR B 179 9.29 -4.79 8.22
CA THR B 179 10.45 -5.66 7.92
C THR B 179 11.79 -5.35 8.64
N PHE B 180 11.76 -4.87 9.89
CA PHE B 180 12.98 -4.92 10.74
C PHE B 180 13.12 -6.37 11.21
N LEU B 181 14.03 -6.61 12.16
CA LEU B 181 13.94 -7.80 13.01
C LEU B 181 12.60 -7.76 13.79
N SER B 182 12.26 -8.85 14.48
CA SER B 182 11.09 -8.86 15.36
C SER B 182 11.38 -9.87 16.44
N SER B 183 10.73 -9.72 17.61
CA SER B 183 11.04 -10.51 18.86
C SER B 183 12.34 -10.08 19.59
N THR B 184 13.05 -9.10 19.03
CA THR B 184 14.15 -8.37 19.66
C THR B 184 13.54 -7.14 20.36
N LEU B 185 14.08 -6.79 21.53
CA LEU B 185 13.64 -5.62 22.30
C LEU B 185 13.90 -4.30 21.57
N LYS B 186 15.03 -4.19 20.90
CA LYS B 186 15.34 -2.95 20.22
C LYS B 186 14.27 -2.61 19.19
N SER B 187 13.81 -3.62 18.46
CA SER B 187 12.83 -3.41 17.38
C SER B 187 11.50 -2.96 17.94
N LEU B 188 11.13 -3.55 19.06
CA LEU B 188 9.95 -3.15 19.80
C LEU B 188 9.97 -1.64 20.09
N GLU B 189 11.08 -1.13 20.62
CA GLU B 189 11.23 0.29 20.92
C GLU B 189 11.21 1.14 19.66
N GLU B 190 12.00 0.74 18.66
CA GLU B 190 11.99 1.41 17.32
C GLU B 190 10.57 1.50 16.72
N LYS B 191 9.85 0.39 16.70
CA LYS B 191 8.49 0.39 16.13
C LYS B 191 7.58 1.27 16.95
N ASP B 192 7.70 1.19 18.26
CA ASP B 192 6.84 2.01 19.09
C ASP B 192 7.04 3.48 18.77
N HIS B 193 8.28 3.90 18.66
CA HIS B 193 8.59 5.27 18.31
C HIS B 193 8.03 5.69 16.94
N ILE B 194 8.20 4.85 15.93
CA ILE B 194 7.63 5.16 14.64
C ILE B 194 6.11 5.28 14.73
N HIS B 195 5.45 4.32 15.34
CA HIS B 195 3.99 4.37 15.45
C HIS B 195 3.49 5.65 16.13
N ARG B 196 4.22 6.10 17.14
CA ARG B 196 3.87 7.35 17.77
C ARG B 196 4.06 8.59 16.88
N VAL B 197 5.14 8.63 16.10
CA VAL B 197 5.26 9.69 15.14
C VAL B 197 4.20 9.59 14.03
N LEU B 198 3.94 8.39 13.51
CA LEU B 198 2.85 8.26 12.55
C LEU B 198 1.53 8.80 13.13
N ASP B 199 1.19 8.45 14.37
CA ASP B 199 -0.02 9.02 15.05
C ASP B 199 -0.01 10.54 15.03
N LYS B 200 1.14 11.15 15.28
CA LYS B 200 1.22 12.60 15.20
C LYS B 200 0.92 13.13 13.79
N ILE B 201 1.43 12.47 12.77
CA ILE B 201 1.15 12.90 11.40
C ILE B 201 -0.34 12.70 11.06
N THR B 202 -0.94 11.60 11.47
CA THR B 202 -2.38 11.49 11.30
C THR B 202 -3.11 12.66 11.96
N ASP B 203 -2.81 12.97 13.21
CA ASP B 203 -3.46 14.09 13.90
C ASP B 203 -3.34 15.35 13.07
N THR B 204 -2.16 15.52 12.46
CA THR B 204 -1.88 16.68 11.65
C THR B 204 -2.78 16.76 10.41
N LEU B 205 -2.90 15.64 9.70
CA LEU B 205 -3.78 15.54 8.55
C LEU B 205 -5.20 15.92 8.94
N ILE B 206 -5.73 15.29 10.00
CA ILE B 206 -7.09 15.57 10.42
C ILE B 206 -7.25 17.07 10.74
N HIS B 207 -6.25 17.63 11.38
CA HIS B 207 -6.28 19.04 11.73
C HIS B 207 -6.41 19.95 10.49
N LEU B 208 -5.67 19.65 9.41
CA LEU B 208 -5.75 20.41 8.18
C LEU B 208 -7.16 20.33 7.61
N MET B 209 -7.74 19.14 7.65
CA MET B 209 -9.06 18.94 7.11
C MET B 209 -10.11 19.68 7.93
N ALA B 210 -9.98 19.63 9.26
CA ALA B 210 -10.95 20.30 10.15
C ALA B 210 -10.87 21.83 9.98
N LYS B 211 -9.65 22.31 9.79
CA LYS B 211 -9.39 23.73 9.61
C LYS B 211 -9.97 24.22 8.28
N ALA B 212 -10.04 23.33 7.30
CA ALA B 212 -10.55 23.67 5.95
C ALA B 212 -12.08 23.56 5.87
N GLY B 213 -12.73 23.12 6.93
CA GLY B 213 -14.19 23.14 7.01
C GLY B 213 -14.91 21.80 6.99
N LEU B 214 -14.18 20.69 6.74
CA LEU B 214 -14.84 19.41 6.51
C LEU B 214 -15.50 18.92 7.77
N THR B 215 -16.61 18.19 7.61
CA THR B 215 -17.28 17.53 8.71
C THR B 215 -16.38 16.40 9.21
N LEU B 216 -16.66 15.92 10.41
CA LEU B 216 -15.97 14.75 10.93
C LEU B 216 -16.03 13.64 9.90
N GLN B 217 -17.22 13.35 9.39
CA GLN B 217 -17.41 12.31 8.40
C GLN B 217 -16.53 12.53 7.19
N GLN B 218 -16.53 13.75 6.70
CA GLN B 218 -15.72 14.09 5.53
C GLN B 218 -14.24 13.98 5.85
N GLN B 219 -13.87 14.24 7.09
CA GLN B 219 -12.46 14.15 7.51
C GLN B 219 -11.99 12.72 7.48
N HIS B 220 -12.74 11.83 8.14
CA HIS B 220 -12.34 10.45 8.14
C HIS B 220 -12.34 9.86 6.71
N GLN B 221 -13.28 10.27 5.87
CA GLN B 221 -13.38 9.75 4.53
C GLN B 221 -12.17 10.12 3.70
N ARG B 222 -11.75 11.39 3.77
CA ARG B 222 -10.61 11.89 2.97
C ARG B 222 -9.32 11.26 3.45
N LEU B 223 -9.13 11.22 4.77
CA LEU B 223 -7.98 10.52 5.34
C LEU B 223 -7.88 9.09 4.79
N ALA B 224 -8.99 8.34 4.83
CA ALA B 224 -9.00 6.97 4.28
C ALA B 224 -8.61 7.01 2.79
N GLN B 225 -9.17 7.94 2.01
CA GLN B 225 -8.88 8.03 0.60
C GLN B 225 -7.38 8.24 0.38
N LEU B 226 -6.78 9.12 1.14
CA LEU B 226 -5.39 9.41 0.97
C LEU B 226 -4.53 8.20 1.31
N LEU B 227 -4.85 7.53 2.41
CA LEU B 227 -4.01 6.40 2.83
C LEU B 227 -4.16 5.20 1.90
N LEU B 228 -5.34 5.05 1.29
CA LEU B 228 -5.52 3.97 0.32
C LEU B 228 -4.71 4.21 -0.93
N ILE B 229 -4.43 5.46 -1.28
CA ILE B 229 -3.57 5.76 -2.42
C ILE B 229 -2.15 5.31 -2.13
N LEU B 230 -1.73 5.35 -0.87
CA LEU B 230 -0.39 4.90 -0.50
C LEU B 230 -0.15 3.46 -0.87
N SER B 231 -1.16 2.62 -0.84
CA SER B 231 -0.88 1.25 -1.21
C SER B 231 -0.77 1.11 -2.72
N HIS B 232 -1.41 2.00 -3.47
CA HIS B 232 -1.13 2.03 -4.91
C HIS B 232 0.32 2.47 -5.15
N ILE B 233 0.80 3.42 -4.39
CA ILE B 233 2.17 3.87 -4.57
C ILE B 233 3.15 2.75 -4.27
N ARG B 234 2.86 1.96 -3.24
CA ARG B 234 3.71 0.84 -2.91
C ARG B 234 3.75 -0.14 -4.06
N HIS B 235 2.58 -0.40 -4.62
CA HIS B 235 2.46 -1.27 -5.78
C HIS B 235 3.29 -0.77 -6.96
N MET B 236 3.18 0.52 -7.29
CA MET B 236 3.95 1.11 -8.39
C MET B 236 5.43 0.97 -8.13
N SER B 237 5.84 1.27 -6.90
CA SER B 237 7.24 1.12 -6.53
C SER B 237 7.73 -0.31 -6.71
N ASN B 238 6.94 -1.30 -6.35
CA ASN B 238 7.36 -2.67 -6.52
C ASN B 238 7.47 -3.03 -8.01
N LYS B 239 6.52 -2.55 -8.80
CA LYS B 239 6.54 -2.81 -10.24
C LYS B 239 7.73 -2.13 -10.88
N GLY B 240 8.02 -0.93 -10.40
CA GLY B 240 9.16 -0.15 -10.83
C GLY B 240 10.50 -0.83 -10.63
N MET B 241 10.76 -1.29 -9.40
CA MET B 241 11.99 -2.03 -9.05
C MET B 241 12.15 -3.23 -9.97
N GLU B 242 11.03 -3.88 -10.23
CA GLU B 242 10.96 -5.08 -11.06
C GLU B 242 11.36 -4.74 -12.51
N HIS B 243 10.90 -3.58 -12.96
CA HIS B 243 11.20 -3.08 -14.30
C HIS B 243 12.64 -2.60 -14.37
N LEU B 244 13.10 -1.89 -13.35
CA LEU B 244 14.48 -1.39 -13.32
C LEU B 244 15.51 -2.51 -13.26
N TYR B 245 15.33 -3.43 -12.33
CA TYR B 245 16.22 -4.58 -12.20
C TYR B 245 16.35 -5.31 -13.53
N SER B 246 15.26 -5.40 -14.28
CA SER B 246 15.28 -6.17 -15.54
C SER B 246 16.00 -5.46 -16.70
N MET B 247 16.32 -4.17 -16.53
CA MET B 247 17.20 -3.48 -17.48
C MET B 247 18.64 -3.73 -17.05
N ASP C 1 -0.82 -21.02 -15.15
CA ASP C 1 -1.75 -20.55 -14.09
C ASP C 1 -1.96 -19.02 -14.09
N ALA C 2 -1.56 -18.34 -15.16
CA ALA C 2 -1.90 -16.92 -15.40
C ALA C 2 -3.20 -16.79 -16.21
N PHE C 3 -3.43 -17.79 -17.06
CA PHE C 3 -4.67 -17.96 -17.84
C PHE C 3 -5.71 -18.72 -17.02
N GLN C 4 -5.25 -19.73 -16.27
CA GLN C 4 -6.12 -20.60 -15.46
C GLN C 4 -6.74 -19.86 -14.27
N LEU C 5 -6.16 -18.70 -13.90
CA LEU C 5 -6.69 -17.86 -12.83
C LEU C 5 -7.93 -17.13 -13.33
N ARG C 6 -7.80 -16.49 -14.49
CA ARG C 6 -8.90 -15.69 -15.04
C ARG C 6 -10.12 -16.54 -15.39
N GLN C 7 -9.88 -17.75 -15.88
CA GLN C 7 -10.98 -18.66 -16.18
C GLN C 7 -11.63 -19.12 -14.88
N LEU C 8 -10.81 -19.50 -13.91
CA LEU C 8 -11.36 -19.89 -12.62
C LEU C 8 -12.21 -18.76 -12.02
N ILE C 9 -11.73 -17.51 -12.11
CA ILE C 9 -12.51 -16.37 -11.64
C ILE C 9 -13.77 -16.18 -12.47
N LEU C 10 -13.64 -16.32 -13.79
CA LEU C 10 -14.78 -16.09 -14.69
C LEU C 10 -15.94 -17.05 -14.36
N ARG C 11 -15.62 -18.34 -14.26
CA ARG C 11 -16.66 -19.37 -14.04
C ARG C 11 -17.37 -19.16 -12.70
N GLY C 12 -16.62 -18.86 -11.66
CA GLY C 12 -17.21 -18.60 -10.35
C GLY C 12 -18.18 -17.42 -10.31
N LEU C 13 -17.93 -16.40 -11.11
CA LEU C 13 -18.77 -15.19 -11.07
C LEU C 13 -20.12 -15.37 -11.78
N GLN C 14 -20.11 -16.00 -12.95
CA GLN C 14 -21.34 -16.20 -13.71
C GLN C 14 -22.17 -17.40 -13.23
N ASP C 15 -21.69 -18.08 -12.19
CA ASP C 15 -22.42 -19.22 -11.63
C ASP C 15 -22.15 -19.35 -10.13
N ASP D 1 25.11 -2.42 -7.32
CA ASP D 1 23.71 -2.09 -7.75
C ASP D 1 22.82 -1.87 -6.51
N ALA D 2 22.71 -2.90 -5.68
CA ALA D 2 22.05 -2.81 -4.35
C ALA D 2 23.05 -2.39 -3.27
N PHE D 3 24.33 -2.72 -3.50
CA PHE D 3 25.44 -2.20 -2.70
C PHE D 3 25.62 -0.67 -2.90
N GLN D 4 25.58 -0.22 -4.15
CA GLN D 4 25.72 1.21 -4.47
C GLN D 4 24.66 2.11 -3.79
N LEU D 5 23.50 1.53 -3.48
CA LEU D 5 22.42 2.28 -2.80
C LEU D 5 22.72 2.41 -1.32
N ARG D 6 23.16 1.31 -0.71
CA ARG D 6 23.43 1.33 0.71
C ARG D 6 24.57 2.27 1.00
N GLN D 7 25.57 2.24 0.13
CA GLN D 7 26.73 3.12 0.26
C GLN D 7 26.27 4.56 0.24
N LEU D 8 25.53 4.94 -0.79
CA LEU D 8 25.05 6.31 -0.91
C LEU D 8 24.33 6.77 0.36
N ILE D 9 23.43 5.93 0.88
CA ILE D 9 22.58 6.32 2.02
C ILE D 9 23.44 6.48 3.26
N LEU D 10 24.36 5.56 3.44
CA LEU D 10 25.23 5.57 4.62
C LEU D 10 26.12 6.84 4.60
N ARG D 11 26.62 7.20 3.42
CA ARG D 11 27.38 8.45 3.23
C ARG D 11 26.57 9.69 3.62
N GLY D 12 25.34 9.75 3.10
CA GLY D 12 24.48 10.91 3.32
C GLY D 12 24.01 11.08 4.76
N LEU D 13 23.81 9.98 5.48
CA LEU D 13 23.29 10.08 6.83
C LEU D 13 24.37 10.50 7.82
N GLN D 14 25.63 10.33 7.44
CA GLN D 14 26.73 10.51 8.39
C GLN D 14 27.41 11.90 8.38
N ASP D 15 27.53 12.53 7.21
CA ASP D 15 28.15 13.86 7.11
C ASP D 15 27.70 14.65 5.87
#